data_2PHO
#
_entry.id   2PHO
#
_cell.length_a   90.610
_cell.length_b   90.610
_cell.length_c   69.630
_cell.angle_alpha   90.00
_cell.angle_beta   90.00
_cell.angle_gamma   120.00
#
_symmetry.space_group_name_H-M   'P 3'
#
loop_
_entity.id
_entity.type
_entity.pdbx_description
1 polymer Arginase-1
2 non-polymer 'MANGANESE (II) ION'
3 non-polymer HYDRAZINECARBOTHIOAMIDE
4 water water
#
_entity_poly.entity_id   1
_entity_poly.type   'polypeptide(L)'
_entity_poly.pdbx_seq_one_letter_code
;MSAKSRTIGIIGAPFSKGQPRGGVEEGPTVLRKAGLLEKLKEQECDVKDYGDLPFADIPNDSPFQIVKNPRSVGKASEQL
AGKVAEVKKNGRISLVLGGDHSLAIGSISGHARVHPDLGVIWVDAHTDINTPLTTTSGNLHGQPVSFLLKELKGKIPDVP
GFSWVTPCISAKDIVYIGLRDVDPGEHYILKTLGIKYFSMTEVDRLGIGKVMEETLSYLLGRKKRPIHLSFDVDGLDPSF
TPATGTPVVGGLTYREGLYITEEIYKTGLLSGLDIMEVNPSLGKTPEEVTRTVNTAVAITLACFGLAREGNHKPIDYLNP
PK
;
_entity_poly.pdbx_strand_id   A,B
#
loop_
_chem_comp.id
_chem_comp.type
_chem_comp.name
_chem_comp.formula
MN non-polymer 'MANGANESE (II) ION' 'Mn 2'
TSZ non-polymer HYDRAZINECARBOTHIOAMIDE 'C H5 N3 S'
#
# COMPACT_ATOMS: atom_id res chain seq x y z
N ARG A 6 5.58 39.28 -0.52
CA ARG A 6 5.06 37.89 -0.46
C ARG A 6 4.86 37.43 0.97
N THR A 7 3.58 37.41 1.35
CA THR A 7 3.12 37.03 2.68
C THR A 7 2.51 35.62 2.64
N ILE A 8 3.11 34.70 3.38
CA ILE A 8 2.68 33.30 3.42
C ILE A 8 1.76 32.89 4.57
N GLY A 9 1.02 31.81 4.34
CA GLY A 9 0.11 31.27 5.34
C GLY A 9 0.28 29.76 5.38
N ILE A 10 1.16 29.28 6.25
CA ILE A 10 1.44 27.86 6.40
C ILE A 10 0.30 27.02 6.97
N ILE A 11 0.00 25.92 6.28
CA ILE A 11 -1.06 24.99 6.69
C ILE A 11 -0.53 23.57 6.66
N GLY A 12 -0.56 22.91 7.81
CA GLY A 12 -0.11 21.52 7.90
C GLY A 12 -1.26 20.61 7.53
N ALA A 13 -1.04 19.72 6.56
CA ALA A 13 -2.07 18.77 6.11
C ALA A 13 -1.56 17.33 6.15
N PRO A 14 -1.36 16.77 7.35
CA PRO A 14 -0.86 15.40 7.49
C PRO A 14 -1.86 14.32 7.07
N PHE A 15 -2.10 14.23 5.76
CA PHE A 15 -3.04 13.24 5.24
C PHE A 15 -2.36 12.25 4.29
N SER A 16 -2.73 10.98 4.39
CA SER A 16 -2.14 9.93 3.55
C SER A 16 -3.12 9.00 2.84
N LYS A 17 -4.40 9.05 3.24
CA LYS A 17 -5.41 8.16 2.67
C LYS A 17 -5.74 8.40 1.20
N GLY A 18 -4.97 9.24 0.52
CA GLY A 18 -5.21 9.49 -0.88
C GLY A 18 -4.51 8.39 -1.64
N GLN A 19 -3.66 7.65 -0.93
CA GLN A 19 -2.89 6.56 -1.50
C GLN A 19 -2.58 5.52 -0.41
N PRO A 20 -1.97 4.38 -0.79
CA PRO A 20 -1.63 3.30 0.16
C PRO A 20 -0.64 3.62 1.29
N ARG A 21 0.63 3.77 0.93
CA ARG A 21 1.73 4.07 1.87
C ARG A 21 1.41 5.18 2.87
N GLY A 22 1.66 4.92 4.16
CA GLY A 22 1.31 5.89 5.19
C GLY A 22 2.25 6.97 5.70
N GLY A 23 3.54 6.90 5.42
CA GLY A 23 4.46 7.90 5.92
C GLY A 23 4.35 9.34 5.41
N VAL A 24 3.53 9.56 4.39
CA VAL A 24 3.39 10.89 3.83
C VAL A 24 2.72 11.88 4.78
N GLU A 25 2.05 11.37 5.81
CA GLU A 25 1.40 12.26 6.76
C GLU A 25 2.41 12.89 7.73
N GLU A 26 3.67 12.46 7.62
CA GLU A 26 4.72 12.98 8.46
C GLU A 26 5.41 14.14 7.72
N GLY A 27 4.98 14.38 6.49
CA GLY A 27 5.56 15.46 5.72
C GLY A 27 5.56 16.77 6.49
N PRO A 28 4.39 17.30 6.87
CA PRO A 28 4.33 18.56 7.62
C PRO A 28 5.40 18.62 8.70
N THR A 29 5.50 17.54 9.47
CA THR A 29 6.46 17.40 10.55
C THR A 29 7.93 17.56 10.14
N VAL A 30 8.41 16.65 9.31
CA VAL A 30 9.80 16.65 8.87
C VAL A 30 10.24 17.91 8.11
N LEU A 31 9.31 18.54 7.40
CA LEU A 31 9.66 19.76 6.68
C LEU A 31 9.89 20.87 7.70
N ARG A 32 9.08 20.86 8.75
CA ARG A 32 9.19 21.84 9.84
C ARG A 32 10.51 21.73 10.59
N LYS A 33 11.06 20.51 10.65
CA LYS A 33 12.32 20.28 11.35
C LYS A 33 13.50 20.75 10.54
N ALA A 34 13.32 20.80 9.23
CA ALA A 34 14.37 21.26 8.33
C ALA A 34 14.55 22.74 8.56
N GLY A 35 13.57 23.36 9.22
CA GLY A 35 13.63 24.78 9.51
C GLY A 35 12.95 25.68 8.49
N LEU A 36 11.94 25.16 7.80
CA LEU A 36 11.24 25.95 6.79
C LEU A 36 10.76 27.31 7.28
N LEU A 37 9.97 27.33 8.35
CA LEU A 37 9.46 28.58 8.90
C LEU A 37 10.58 29.54 9.30
N GLU A 38 11.68 28.99 9.79
CA GLU A 38 12.80 29.84 10.20
C GLU A 38 13.51 30.41 8.96
N LYS A 39 13.62 29.61 7.90
CA LYS A 39 14.29 30.03 6.66
C LYS A 39 13.44 31.00 5.86
N LEU A 40 12.13 30.83 5.92
CA LEU A 40 11.22 31.72 5.22
C LEU A 40 11.37 33.10 5.82
N LYS A 41 11.49 33.14 7.16
CA LYS A 41 11.66 34.41 7.88
C LYS A 41 13.04 35.03 7.60
N GLU A 42 14.05 34.18 7.42
CA GLU A 42 15.39 34.66 7.12
C GLU A 42 15.33 35.53 5.86
N GLN A 43 14.19 35.48 5.18
CA GLN A 43 13.97 36.23 3.94
C GLN A 43 13.16 37.51 4.14
N GLU A 44 12.30 37.80 3.16
CA GLU A 44 11.47 39.01 3.16
C GLU A 44 9.99 38.73 3.36
N CYS A 45 9.63 37.66 4.06
CA CYS A 45 8.23 37.31 4.24
C CYS A 45 7.70 37.24 5.68
N ASP A 46 6.39 37.45 5.80
CA ASP A 46 5.69 37.37 7.07
C ASP A 46 5.18 35.95 7.13
N VAL A 47 5.70 35.16 8.06
CA VAL A 47 5.31 33.77 8.22
C VAL A 47 4.34 33.59 9.38
N LYS A 48 3.15 33.06 9.08
CA LYS A 48 2.14 32.80 10.11
C LYS A 48 1.73 31.34 10.01
N ASP A 49 2.13 30.56 11.00
CA ASP A 49 1.83 29.14 11.02
C ASP A 49 0.44 28.84 11.57
N TYR A 50 -0.37 28.19 10.75
CA TYR A 50 -1.72 27.81 11.16
C TYR A 50 -1.70 26.37 11.63
N GLY A 51 -0.50 25.86 11.88
CA GLY A 51 -0.34 24.50 12.38
C GLY A 51 -0.76 23.34 11.50
N ASP A 52 -0.79 22.16 12.11
CA ASP A 52 -1.16 20.94 11.41
C ASP A 52 -2.65 20.68 11.61
N LEU A 53 -3.41 20.69 10.51
CA LEU A 53 -4.84 20.42 10.59
C LEU A 53 -5.04 19.07 11.27
N PRO A 54 -5.91 19.02 12.29
CA PRO A 54 -6.15 17.76 12.99
C PRO A 54 -7.14 16.96 12.15
N PHE A 55 -6.63 16.04 11.35
CA PHE A 55 -7.51 15.24 10.50
C PHE A 55 -8.17 14.13 11.28
N ALA A 56 -9.49 14.25 11.44
CA ALA A 56 -10.29 13.28 12.19
C ALA A 56 -10.32 11.92 11.49
N ASP A 57 -10.42 10.87 12.31
CA ASP A 57 -10.46 9.50 11.82
C ASP A 57 -11.86 9.02 11.48
N ILE A 58 -12.03 8.52 10.26
CA ILE A 58 -13.32 7.99 9.82
C ILE A 58 -13.17 6.48 9.69
N PRO A 59 -13.54 5.73 10.74
CA PRO A 59 -13.48 4.27 10.84
C PRO A 59 -14.26 3.55 9.74
N ASN A 60 -15.54 3.90 9.63
CA ASN A 60 -16.41 3.31 8.64
C ASN A 60 -16.31 4.05 7.32
N ASP A 61 -15.43 3.56 6.44
CA ASP A 61 -15.21 4.18 5.16
C ASP A 61 -14.81 3.12 4.13
N SER A 62 -15.76 2.26 3.78
CA SER A 62 -15.52 1.21 2.80
C SER A 62 -15.32 1.84 1.42
N PRO A 63 -14.69 1.12 0.50
CA PRO A 63 -14.47 1.69 -0.82
C PRO A 63 -15.77 1.92 -1.59
N PHE A 64 -15.76 2.93 -2.45
CA PHE A 64 -16.89 3.25 -3.31
C PHE A 64 -16.49 2.60 -4.62
N GLN A 65 -17.09 1.45 -4.92
CA GLN A 65 -16.73 0.71 -6.12
C GLN A 65 -15.23 0.47 -6.00
N ILE A 66 -14.43 1.25 -6.74
CA ILE A 66 -12.99 1.10 -6.70
C ILE A 66 -12.31 2.17 -5.82
N VAL A 67 -12.96 3.32 -5.67
CA VAL A 67 -12.41 4.41 -4.87
C VAL A 67 -12.12 3.95 -3.44
N LYS A 68 -10.95 4.34 -2.92
CA LYS A 68 -10.55 3.94 -1.58
C LYS A 68 -10.56 5.10 -0.59
N ASN A 69 -11.07 4.84 0.62
CA ASN A 69 -11.18 5.85 1.68
C ASN A 69 -11.76 7.15 1.14
N PRO A 70 -12.91 7.08 0.44
CA PRO A 70 -13.56 8.26 -0.12
C PRO A 70 -14.06 9.30 0.88
N ARG A 71 -14.58 8.86 2.03
CA ARG A 71 -15.09 9.81 3.02
C ARG A 71 -13.95 10.44 3.79
N SER A 72 -12.84 9.70 3.91
CA SER A 72 -11.66 10.20 4.62
C SER A 72 -10.98 11.29 3.79
N VAL A 73 -10.78 11.01 2.50
CA VAL A 73 -10.15 11.95 1.58
C VAL A 73 -11.07 13.13 1.34
N GLY A 74 -12.33 12.84 1.08
CA GLY A 74 -13.31 13.89 0.83
C GLY A 74 -13.44 14.87 1.98
N LYS A 75 -13.44 14.38 3.21
CA LYS A 75 -13.57 15.25 4.38
C LYS A 75 -12.28 16.03 4.67
N ALA A 76 -11.13 15.43 4.34
CA ALA A 76 -9.84 16.05 4.57
C ALA A 76 -9.64 17.28 3.66
N SER A 77 -10.23 17.22 2.46
CA SER A 77 -10.15 18.32 1.52
C SER A 77 -11.14 19.40 1.91
N GLU A 78 -12.32 18.97 2.34
CA GLU A 78 -13.37 19.89 2.76
C GLU A 78 -12.78 20.73 3.88
N GLN A 79 -12.12 20.04 4.80
CA GLN A 79 -11.49 20.66 5.95
C GLN A 79 -10.39 21.66 5.51
N LEU A 80 -9.53 21.23 4.60
CA LEU A 80 -8.44 22.06 4.10
C LEU A 80 -8.91 23.23 3.23
N ALA A 81 -10.01 23.03 2.52
CA ALA A 81 -10.56 24.07 1.66
C ALA A 81 -10.98 25.30 2.48
N GLY A 82 -11.68 25.05 3.58
CA GLY A 82 -12.10 26.14 4.44
C GLY A 82 -10.89 26.84 5.04
N LYS A 83 -9.82 26.08 5.28
CA LYS A 83 -8.60 26.63 5.86
C LYS A 83 -7.87 27.56 4.90
N VAL A 84 -7.69 27.10 3.66
CA VAL A 84 -7.03 27.87 2.62
C VAL A 84 -7.84 29.12 2.30
N ALA A 85 -9.17 29.02 2.47
CA ALA A 85 -10.07 30.13 2.20
C ALA A 85 -9.89 31.24 3.24
N GLU A 86 -9.86 30.86 4.51
CA GLU A 86 -9.66 31.83 5.57
C GLU A 86 -8.31 32.51 5.40
N VAL A 87 -7.26 31.74 5.12
CA VAL A 87 -5.94 32.32 4.95
C VAL A 87 -5.92 33.32 3.78
N LYS A 88 -6.51 32.94 2.65
CA LYS A 88 -6.56 33.83 1.50
C LYS A 88 -7.35 35.09 1.86
N LYS A 89 -8.26 34.93 2.81
CA LYS A 89 -9.09 36.03 3.29
C LYS A 89 -8.27 36.94 4.19
N ASN A 90 -7.20 36.40 4.78
CA ASN A 90 -6.31 37.19 5.63
C ASN A 90 -5.19 37.74 4.77
N GLY A 91 -5.42 37.73 3.45
CA GLY A 91 -4.43 38.22 2.50
C GLY A 91 -3.07 37.55 2.61
N ARG A 92 -3.05 36.24 2.47
CA ARG A 92 -1.81 35.49 2.59
C ARG A 92 -1.71 34.35 1.58
N ILE A 93 -0.48 34.09 1.16
CA ILE A 93 -0.18 33.00 0.22
C ILE A 93 -0.26 31.70 1.02
N SER A 94 -1.31 30.93 0.80
CA SER A 94 -1.48 29.67 1.51
C SER A 94 -0.40 28.66 1.11
N LEU A 95 0.20 28.02 2.11
CA LEU A 95 1.23 27.02 1.87
C LEU A 95 0.76 25.70 2.47
N VAL A 96 0.36 24.78 1.61
CA VAL A 96 -0.14 23.51 2.10
C VAL A 96 0.91 22.39 2.09
N LEU A 97 1.52 22.17 3.25
CA LEU A 97 2.52 21.13 3.41
C LEU A 97 1.72 19.89 3.77
N GLY A 98 1.50 19.01 2.80
CA GLY A 98 0.70 17.85 3.12
C GLY A 98 1.33 16.48 2.98
N GLY A 99 0.46 15.52 2.69
CA GLY A 99 0.89 14.16 2.47
C GLY A 99 0.67 13.91 1.01
N ASP A 100 -0.35 13.12 0.70
CA ASP A 100 -0.66 12.78 -0.69
C ASP A 100 -1.38 13.92 -1.40
N HIS A 101 -1.35 13.85 -2.73
CA HIS A 101 -1.93 14.84 -3.61
C HIS A 101 -3.44 14.96 -3.67
N SER A 102 -4.15 14.08 -2.97
CA SER A 102 -5.62 14.13 -2.94
C SER A 102 -6.05 15.49 -2.38
N LEU A 103 -5.36 15.92 -1.33
CA LEU A 103 -5.63 17.19 -0.67
C LEU A 103 -5.73 18.38 -1.64
N ALA A 104 -5.10 18.25 -2.81
CA ALA A 104 -5.10 19.31 -3.83
C ALA A 104 -6.52 19.76 -4.11
N ILE A 105 -7.47 18.83 -4.01
CA ILE A 105 -8.87 19.12 -4.24
C ILE A 105 -9.32 20.20 -3.27
N GLY A 106 -8.96 20.03 -2.01
CA GLY A 106 -9.35 21.00 -1.01
C GLY A 106 -8.64 22.33 -1.15
N SER A 107 -7.38 22.28 -1.61
CA SER A 107 -6.60 23.49 -1.77
C SER A 107 -7.07 24.36 -2.91
N ILE A 108 -7.24 23.76 -4.09
CA ILE A 108 -7.69 24.51 -5.25
C ILE A 108 -9.10 25.03 -5.02
N SER A 109 -9.90 24.25 -4.30
CA SER A 109 -11.26 24.65 -4.00
C SER A 109 -11.28 25.84 -3.05
N GLY A 110 -10.70 25.66 -1.87
CA GLY A 110 -10.65 26.74 -0.89
C GLY A 110 -10.02 28.02 -1.43
N HIS A 111 -8.94 27.85 -2.18
CA HIS A 111 -8.24 28.98 -2.77
C HIS A 111 -9.17 29.74 -3.70
N ALA A 112 -9.87 29.02 -4.57
CA ALA A 112 -10.78 29.62 -5.54
C ALA A 112 -11.98 30.36 -4.95
N ARG A 113 -12.51 29.86 -3.84
CA ARG A 113 -13.67 30.49 -3.19
C ARG A 113 -13.46 31.99 -3.12
N VAL A 114 -12.24 32.41 -2.80
CA VAL A 114 -11.90 33.81 -2.68
C VAL A 114 -11.32 34.40 -3.98
N HIS A 115 -10.86 33.52 -4.87
CA HIS A 115 -10.28 33.95 -6.14
C HIS A 115 -10.71 33.04 -7.29
N PRO A 116 -11.91 33.27 -7.84
CA PRO A 116 -12.44 32.46 -8.93
C PRO A 116 -11.63 32.50 -10.23
N ASP A 117 -10.77 33.50 -10.37
CA ASP A 117 -9.96 33.67 -11.58
C ASP A 117 -8.53 33.13 -11.43
N LEU A 118 -8.35 32.14 -10.56
CA LEU A 118 -7.02 31.57 -10.33
C LEU A 118 -6.50 30.69 -11.50
N GLY A 119 -5.18 30.66 -11.65
CA GLY A 119 -4.55 29.86 -12.70
C GLY A 119 -3.77 28.75 -12.04
N VAL A 120 -3.80 27.56 -12.62
CA VAL A 120 -3.08 26.44 -12.01
C VAL A 120 -1.94 25.83 -12.81
N ILE A 121 -0.76 25.81 -12.18
CA ILE A 121 0.44 25.20 -12.76
C ILE A 121 0.61 23.95 -11.90
N TRP A 122 0.61 22.79 -12.54
CA TRP A 122 0.71 21.52 -11.82
C TRP A 122 1.98 20.76 -12.19
N VAL A 123 3.00 20.86 -11.34
CA VAL A 123 4.25 20.17 -11.60
C VAL A 123 4.08 18.77 -11.03
N ASP A 124 4.10 17.78 -11.91
CA ASP A 124 3.89 16.40 -11.52
C ASP A 124 4.39 15.46 -12.63
N ALA A 125 4.74 14.23 -12.26
CA ALA A 125 5.19 13.24 -13.24
C ALA A 125 3.92 12.60 -13.77
N HIS A 126 2.82 12.88 -13.07
CA HIS A 126 1.52 12.34 -13.42
C HIS A 126 0.52 13.49 -13.63
N THR A 127 -0.58 13.20 -14.31
CA THR A 127 -1.60 14.22 -14.55
C THR A 127 -2.64 14.23 -13.43
N ASP A 128 -2.69 13.14 -12.66
CA ASP A 128 -3.64 13.03 -11.57
C ASP A 128 -5.01 13.53 -11.99
N ILE A 129 -5.47 13.05 -13.13
CA ILE A 129 -6.74 13.48 -13.66
C ILE A 129 -7.67 12.30 -13.93
N ASN A 130 -7.43 11.20 -13.22
CA ASN A 130 -8.27 10.02 -13.38
C ASN A 130 -9.63 10.30 -12.75
N THR A 131 -10.68 9.66 -13.26
CA THR A 131 -12.01 9.85 -12.68
C THR A 131 -12.26 8.64 -11.79
N PRO A 132 -13.34 8.69 -10.98
CA PRO A 132 -13.57 7.52 -10.15
C PRO A 132 -13.91 6.35 -11.07
N LEU A 133 -14.13 6.65 -12.34
CA LEU A 133 -14.52 5.65 -13.32
C LEU A 133 -13.44 5.24 -14.33
N THR A 134 -12.27 5.87 -14.23
CA THR A 134 -11.15 5.59 -15.11
C THR A 134 -9.95 5.09 -14.31
N THR A 135 -9.91 5.43 -13.03
CA THR A 135 -8.82 4.99 -12.15
C THR A 135 -8.84 3.46 -11.97
N THR A 136 -7.69 2.81 -12.12
CA THR A 136 -7.63 1.36 -11.94
C THR A 136 -7.02 1.05 -10.58
N SER A 137 -6.43 2.07 -9.95
CA SER A 137 -5.80 1.94 -8.63
C SER A 137 -6.79 2.29 -7.51
N GLY A 138 -7.72 3.19 -7.80
CA GLY A 138 -8.70 3.59 -6.80
C GLY A 138 -8.12 4.61 -5.87
N ASN A 139 -6.81 4.84 -5.97
CA ASN A 139 -6.13 5.82 -5.12
C ASN A 139 -6.53 7.22 -5.56
N LEU A 140 -7.13 7.96 -4.63
CA LEU A 140 -7.59 9.31 -4.91
C LEU A 140 -6.51 10.38 -5.13
N HIS A 141 -5.27 10.12 -4.72
CA HIS A 141 -4.24 11.13 -4.93
C HIS A 141 -3.87 11.16 -6.42
N GLY A 142 -4.60 10.38 -7.21
CA GLY A 142 -4.38 10.31 -8.65
C GLY A 142 -5.65 10.69 -9.40
N GLN A 143 -6.58 11.33 -8.68
CA GLN A 143 -7.85 11.76 -9.24
C GLN A 143 -8.23 13.22 -8.92
N PRO A 144 -7.47 13.91 -8.03
CA PRO A 144 -7.80 15.30 -7.66
C PRO A 144 -8.19 16.28 -8.78
N VAL A 145 -7.44 16.26 -9.86
CA VAL A 145 -7.74 17.16 -10.97
C VAL A 145 -9.12 16.85 -11.56
N SER A 146 -9.53 15.58 -11.51
CA SER A 146 -10.82 15.17 -12.07
C SER A 146 -12.04 15.79 -11.38
N PHE A 147 -11.91 16.11 -10.09
CA PHE A 147 -13.00 16.71 -9.33
C PHE A 147 -13.05 18.24 -9.47
N LEU A 148 -11.94 18.82 -9.90
CA LEU A 148 -11.84 20.27 -10.03
C LEU A 148 -12.25 20.88 -11.37
N LEU A 149 -12.13 20.12 -12.47
CA LEU A 149 -12.48 20.61 -13.80
C LEU A 149 -13.96 20.64 -14.09
N LYS A 150 -14.40 21.74 -14.68
CA LYS A 150 -15.79 21.95 -15.02
C LYS A 150 -16.28 21.10 -16.20
N GLU A 151 -15.47 20.98 -17.25
CA GLU A 151 -15.87 20.18 -18.42
C GLU A 151 -16.18 18.77 -17.96
N LEU A 152 -15.46 18.33 -16.94
CA LEU A 152 -15.63 17.00 -16.38
C LEU A 152 -16.79 16.95 -15.39
N LYS A 153 -17.73 17.88 -15.54
CA LYS A 153 -18.90 17.91 -14.67
C LYS A 153 -19.94 17.00 -15.32
N GLY A 154 -20.38 15.98 -14.59
CA GLY A 154 -21.34 15.04 -15.12
C GLY A 154 -20.65 13.77 -15.54
N LYS A 155 -19.35 13.70 -15.28
CA LYS A 155 -18.54 12.54 -15.59
C LYS A 155 -18.06 11.93 -14.29
N ILE A 156 -18.01 12.76 -13.26
CA ILE A 156 -17.58 12.37 -11.92
C ILE A 156 -18.79 11.97 -11.10
N PRO A 157 -18.98 10.66 -10.86
CA PRO A 157 -20.11 10.16 -10.07
C PRO A 157 -20.19 10.75 -8.65
N ASP A 158 -21.30 10.50 -7.96
CA ASP A 158 -21.44 11.00 -6.61
C ASP A 158 -20.69 10.07 -5.68
N VAL A 159 -19.53 10.52 -5.21
CA VAL A 159 -18.68 9.75 -4.30
C VAL A 159 -18.84 10.21 -2.86
N PRO A 160 -19.07 9.27 -1.94
CA PRO A 160 -19.23 9.63 -0.52
C PRO A 160 -18.08 10.49 0.01
N GLY A 161 -18.42 11.66 0.51
CA GLY A 161 -17.43 12.58 1.06
C GLY A 161 -17.06 13.72 0.14
N PHE A 162 -17.74 13.82 -1.01
CA PHE A 162 -17.40 14.89 -1.94
C PHE A 162 -18.60 15.68 -2.45
N SER A 163 -19.73 15.58 -1.76
CA SER A 163 -20.92 16.32 -2.18
C SER A 163 -20.71 17.82 -2.03
N TRP A 164 -19.70 18.19 -1.26
CA TRP A 164 -19.39 19.59 -1.02
C TRP A 164 -18.59 20.17 -2.18
N VAL A 165 -18.16 19.30 -3.08
CA VAL A 165 -17.34 19.72 -4.21
C VAL A 165 -18.09 20.48 -5.30
N THR A 166 -17.39 21.45 -5.86
CA THR A 166 -17.89 22.29 -6.94
C THR A 166 -16.70 22.60 -7.85
N PRO A 167 -16.62 21.94 -9.02
CA PRO A 167 -15.53 22.16 -9.98
C PRO A 167 -15.22 23.64 -10.13
N CYS A 168 -14.03 24.07 -9.70
CA CYS A 168 -13.69 25.47 -9.77
C CYS A 168 -12.79 25.92 -10.92
N ILE A 169 -12.36 25.00 -11.78
CA ILE A 169 -11.50 25.38 -12.89
C ILE A 169 -11.77 24.68 -14.22
N SER A 170 -11.62 25.43 -15.31
CA SER A 170 -11.82 24.90 -16.65
C SER A 170 -10.57 24.17 -17.09
N ALA A 171 -10.60 23.60 -18.29
CA ALA A 171 -9.45 22.86 -18.79
C ALA A 171 -8.33 23.80 -19.25
N LYS A 172 -8.65 25.09 -19.39
CA LYS A 172 -7.69 26.07 -19.87
C LYS A 172 -6.94 26.82 -18.76
N ASP A 173 -7.53 26.88 -17.57
CA ASP A 173 -6.89 27.59 -16.47
C ASP A 173 -5.75 26.77 -15.87
N ILE A 174 -5.33 25.71 -16.55
CA ILE A 174 -4.26 24.89 -15.99
C ILE A 174 -3.24 24.35 -16.98
N VAL A 175 -1.99 24.30 -16.51
CA VAL A 175 -0.87 23.81 -17.29
C VAL A 175 -0.09 22.76 -16.49
N TYR A 176 0.21 21.64 -17.14
CA TYR A 176 0.97 20.57 -16.50
C TYR A 176 2.42 20.72 -16.92
N ILE A 177 3.34 20.45 -16.00
CA ILE A 177 4.77 20.51 -16.29
C ILE A 177 5.44 19.31 -15.62
N GLY A 178 6.18 18.52 -16.40
CA GLY A 178 6.89 17.37 -15.86
C GLY A 178 6.35 15.99 -16.18
N LEU A 179 5.24 15.91 -16.89
CA LEU A 179 4.64 14.61 -17.21
C LEU A 179 5.55 13.55 -17.83
N ARG A 180 5.42 12.32 -17.34
CA ARG A 180 6.19 11.18 -17.83
C ARG A 180 5.59 9.80 -17.49
N ASP A 181 4.40 9.79 -16.88
CA ASP A 181 3.70 8.55 -16.54
C ASP A 181 2.19 8.84 -16.55
N VAL A 182 1.60 8.87 -17.74
CA VAL A 182 0.19 9.17 -17.91
C VAL A 182 -0.63 7.99 -18.41
N ASP A 183 -1.74 7.73 -17.71
CA ASP A 183 -2.61 6.62 -18.08
C ASP A 183 -3.35 6.88 -19.39
N PRO A 184 -3.85 5.81 -20.04
CA PRO A 184 -4.59 5.90 -21.30
C PRO A 184 -5.79 6.85 -21.21
N GLY A 185 -6.66 6.62 -20.23
CA GLY A 185 -7.83 7.46 -20.06
C GLY A 185 -7.46 8.91 -19.78
N GLU A 186 -6.42 9.12 -18.98
CA GLU A 186 -5.95 10.47 -18.66
C GLU A 186 -5.48 11.18 -19.92
N HIS A 187 -4.76 10.47 -20.78
CA HIS A 187 -4.25 11.06 -22.03
C HIS A 187 -5.41 11.42 -22.96
N TYR A 188 -6.50 10.66 -22.86
CA TYR A 188 -7.68 10.92 -23.68
C TYR A 188 -8.31 12.24 -23.21
N ILE A 189 -8.43 12.40 -21.89
CA ILE A 189 -8.99 13.63 -21.33
C ILE A 189 -8.10 14.78 -21.75
N LEU A 190 -6.78 14.58 -21.64
CA LEU A 190 -5.83 15.62 -22.02
C LEU A 190 -6.13 16.19 -23.39
N LYS A 191 -5.98 15.34 -24.40
CA LYS A 191 -6.22 15.72 -25.80
C LYS A 191 -7.64 16.17 -26.05
N THR A 192 -8.60 15.45 -25.48
CA THR A 192 -10.02 15.75 -25.66
C THR A 192 -10.46 17.08 -25.08
N LEU A 193 -10.00 17.39 -23.87
CA LEU A 193 -10.38 18.64 -23.23
C LEU A 193 -9.41 19.77 -23.59
N GLY A 194 -8.43 19.46 -24.41
CA GLY A 194 -7.46 20.47 -24.83
C GLY A 194 -6.66 21.12 -23.72
N ILE A 195 -6.24 20.31 -22.74
CA ILE A 195 -5.44 20.81 -21.63
C ILE A 195 -3.97 21.06 -22.05
N LYS A 196 -3.47 22.26 -21.75
CA LYS A 196 -2.11 22.64 -22.10
C LYS A 196 -1.10 21.99 -21.16
N TYR A 197 -0.09 21.34 -21.73
CA TYR A 197 0.90 20.66 -20.92
C TYR A 197 2.29 20.61 -21.54
N PHE A 198 3.27 20.41 -20.67
CA PHE A 198 4.65 20.28 -21.10
C PHE A 198 5.19 19.07 -20.36
N SER A 199 5.22 17.94 -21.05
CA SER A 199 5.71 16.70 -20.48
C SER A 199 7.22 16.78 -20.53
N MET A 200 7.89 15.70 -20.15
CA MET A 200 9.34 15.69 -20.19
C MET A 200 9.87 15.78 -21.63
N THR A 201 9.00 15.47 -22.59
CA THR A 201 9.35 15.53 -24.00
C THR A 201 9.46 16.97 -24.47
N GLU A 202 8.47 17.78 -24.09
CA GLU A 202 8.45 19.20 -24.45
C GLU A 202 9.55 19.95 -23.70
N VAL A 203 9.87 19.48 -22.49
CA VAL A 203 10.92 20.11 -21.71
C VAL A 203 12.26 19.82 -22.40
N ASP A 204 12.39 18.59 -22.89
CA ASP A 204 13.61 18.19 -23.59
C ASP A 204 13.80 18.96 -24.87
N ARG A 205 12.71 19.11 -25.61
CA ARG A 205 12.71 19.81 -26.89
C ARG A 205 12.86 21.33 -26.80
N LEU A 206 12.10 21.93 -25.90
CA LEU A 206 12.09 23.38 -25.77
C LEU A 206 13.05 24.02 -24.77
N GLY A 207 13.38 23.29 -23.72
CA GLY A 207 14.24 23.82 -22.68
C GLY A 207 13.33 24.36 -21.59
N ILE A 208 13.73 24.25 -20.33
CA ILE A 208 12.91 24.73 -19.23
C ILE A 208 12.69 26.23 -19.32
N GLY A 209 13.59 26.91 -20.03
CA GLY A 209 13.44 28.34 -20.17
C GLY A 209 12.19 28.66 -20.96
N LYS A 210 12.14 28.18 -22.20
CA LYS A 210 10.99 28.43 -23.06
C LYS A 210 9.71 27.85 -22.46
N VAL A 211 9.83 26.66 -21.86
CA VAL A 211 8.69 26.00 -21.23
C VAL A 211 7.98 26.96 -20.27
N MET A 212 8.76 27.61 -19.40
CA MET A 212 8.19 28.55 -18.42
C MET A 212 7.71 29.82 -19.08
N GLU A 213 8.33 30.18 -20.21
CA GLU A 213 7.92 31.37 -20.94
C GLU A 213 6.49 31.15 -21.41
N GLU A 214 6.28 30.04 -22.12
CA GLU A 214 4.95 29.70 -22.64
C GLU A 214 3.92 29.44 -21.55
N THR A 215 4.30 28.69 -20.52
CA THR A 215 3.37 28.39 -19.45
C THR A 215 2.80 29.66 -18.85
N LEU A 216 3.67 30.57 -18.42
CA LEU A 216 3.20 31.82 -17.81
C LEU A 216 2.51 32.72 -18.83
N SER A 217 2.90 32.56 -20.08
CA SER A 217 2.31 33.35 -21.16
C SER A 217 0.87 32.85 -21.41
N TYR A 218 0.69 31.52 -21.38
CA TYR A 218 -0.62 30.92 -21.60
C TYR A 218 -1.61 31.19 -20.47
N LEU A 219 -1.11 31.38 -19.25
CA LEU A 219 -2.01 31.64 -18.13
C LEU A 219 -2.20 33.12 -17.85
N LEU A 220 -1.20 33.94 -18.19
CA LEU A 220 -1.26 35.38 -17.93
C LEU A 220 -1.36 36.25 -19.19
N GLY A 221 -1.46 35.61 -20.35
CA GLY A 221 -1.56 36.34 -21.60
C GLY A 221 -2.65 37.39 -21.60
N ARG A 222 -3.90 36.93 -21.65
CA ARG A 222 -5.07 37.82 -21.64
C ARG A 222 -4.94 38.87 -20.54
N LYS A 223 -5.01 38.42 -19.29
CA LYS A 223 -4.90 39.31 -18.14
C LYS A 223 -4.10 38.59 -17.07
N LYS A 224 -3.79 39.32 -16.00
CA LYS A 224 -3.07 38.76 -14.88
C LYS A 224 -4.11 38.19 -13.93
N ARG A 225 -3.75 37.13 -13.21
CA ARG A 225 -4.66 36.47 -12.26
C ARG A 225 -3.89 35.75 -11.18
N PRO A 226 -4.56 35.44 -10.06
CA PRO A 226 -3.87 34.74 -8.98
C PRO A 226 -3.41 33.37 -9.48
N ILE A 227 -2.23 32.93 -9.04
CA ILE A 227 -1.70 31.64 -9.45
C ILE A 227 -1.56 30.61 -8.33
N HIS A 228 -1.91 29.37 -8.64
CA HIS A 228 -1.83 28.28 -7.68
C HIS A 228 -0.83 27.25 -8.18
N LEU A 229 0.23 27.02 -7.42
CA LEU A 229 1.22 26.03 -7.80
C LEU A 229 1.01 24.78 -6.98
N SER A 230 0.65 23.68 -7.63
CA SER A 230 0.45 22.41 -6.94
C SER A 230 1.68 21.56 -7.31
N PHE A 231 2.66 21.55 -6.39
CA PHE A 231 3.91 20.84 -6.63
C PHE A 231 4.00 19.46 -5.98
N ASP A 232 4.08 18.44 -6.83
CA ASP A 232 4.23 17.07 -6.37
C ASP A 232 5.74 16.82 -6.47
N VAL A 233 6.36 16.42 -5.36
CA VAL A 233 7.79 16.17 -5.36
C VAL A 233 8.24 15.08 -6.34
N ASP A 234 7.34 14.18 -6.72
CA ASP A 234 7.70 13.12 -7.66
C ASP A 234 7.78 13.71 -9.07
N GLY A 235 7.71 15.04 -9.13
CA GLY A 235 7.82 15.74 -10.38
C GLY A 235 9.30 15.77 -10.74
N LEU A 236 10.14 15.96 -9.73
CA LEU A 236 11.58 15.98 -9.92
C LEU A 236 12.11 14.55 -10.02
N ASP A 237 13.25 14.39 -10.67
CA ASP A 237 13.86 13.08 -10.82
C ASP A 237 14.02 12.51 -9.42
N PRO A 238 13.80 11.20 -9.26
CA PRO A 238 13.95 10.60 -7.93
C PRO A 238 15.35 10.71 -7.32
N SER A 239 16.36 11.00 -8.16
CA SER A 239 17.72 11.13 -7.65
C SER A 239 17.78 12.40 -6.82
N PHE A 240 16.71 13.18 -6.88
CA PHE A 240 16.58 14.43 -6.14
C PHE A 240 15.55 14.33 -5.01
N THR A 241 14.43 13.66 -5.27
CA THR A 241 13.39 13.47 -4.26
C THR A 241 13.00 12.01 -4.24
N PRO A 242 13.90 11.13 -3.74
CA PRO A 242 13.67 9.69 -3.66
C PRO A 242 12.58 9.20 -2.71
N ALA A 243 12.46 9.87 -1.56
CA ALA A 243 11.44 9.49 -0.58
C ALA A 243 10.04 9.99 -0.96
N THR A 244 9.42 9.30 -1.90
CA THR A 244 8.08 9.62 -2.36
C THR A 244 7.46 8.32 -2.87
N GLY A 245 6.14 8.20 -2.76
CA GLY A 245 5.45 6.98 -3.16
C GLY A 245 5.42 6.50 -4.59
N THR A 246 5.38 7.42 -5.55
CA THR A 246 5.31 7.04 -6.96
C THR A 246 6.42 7.64 -7.80
N PRO A 247 7.68 7.18 -7.60
CA PRO A 247 8.79 7.70 -8.38
C PRO A 247 8.78 7.19 -9.83
N VAL A 248 9.24 8.04 -10.75
CA VAL A 248 9.33 7.72 -12.17
C VAL A 248 10.64 8.33 -12.66
N VAL A 249 11.50 7.51 -13.27
CA VAL A 249 12.78 8.00 -13.77
C VAL A 249 12.64 8.90 -15.00
N GLY A 250 13.62 9.78 -15.21
CA GLY A 250 13.58 10.70 -16.34
C GLY A 250 12.85 11.98 -15.96
N GLY A 251 13.08 12.43 -14.73
CA GLY A 251 12.40 13.63 -14.27
C GLY A 251 13.12 14.96 -14.36
N LEU A 252 12.47 15.99 -13.80
CA LEU A 252 12.99 17.34 -13.80
C LEU A 252 14.21 17.40 -12.90
N THR A 253 15.22 18.15 -13.31
CA THR A 253 16.42 18.24 -12.51
C THR A 253 16.17 19.16 -11.33
N TYR A 254 17.15 19.20 -10.44
CA TYR A 254 17.09 20.05 -9.26
C TYR A 254 17.05 21.47 -9.80
N ARG A 255 17.98 21.76 -10.73
CA ARG A 255 18.08 23.06 -11.35
C ARG A 255 16.76 23.49 -11.98
N GLU A 256 16.18 22.62 -12.78
CA GLU A 256 14.90 22.91 -13.44
C GLU A 256 13.83 23.15 -12.38
N GLY A 257 13.84 22.32 -11.34
CA GLY A 257 12.87 22.49 -10.27
C GLY A 257 12.97 23.90 -9.71
N LEU A 258 14.18 24.37 -9.50
CA LEU A 258 14.42 25.70 -8.99
C LEU A 258 14.05 26.78 -9.99
N TYR A 259 14.30 26.55 -11.27
CA TYR A 259 13.99 27.55 -12.28
C TYR A 259 12.48 27.83 -12.37
N ILE A 260 11.69 26.75 -12.35
CA ILE A 260 10.23 26.88 -12.43
C ILE A 260 9.70 27.85 -11.37
N THR A 261 10.02 27.58 -10.11
CA THR A 261 9.57 28.40 -8.99
C THR A 261 10.14 29.81 -8.91
N GLU A 262 11.42 29.99 -9.27
CA GLU A 262 12.04 31.31 -9.23
C GLU A 262 11.30 32.20 -10.20
N GLU A 263 10.90 31.59 -11.32
CA GLU A 263 10.15 32.29 -12.35
C GLU A 263 8.73 32.58 -11.85
N ILE A 264 8.15 31.61 -11.16
CA ILE A 264 6.80 31.80 -10.64
C ILE A 264 6.81 32.95 -9.65
N TYR A 265 7.79 32.93 -8.74
CA TYR A 265 7.92 33.98 -7.74
C TYR A 265 8.00 35.34 -8.41
N LYS A 266 8.80 35.42 -9.46
CA LYS A 266 9.00 36.66 -10.18
C LYS A 266 7.75 37.29 -10.79
N THR A 267 6.69 36.51 -10.95
CA THR A 267 5.45 37.04 -11.51
C THR A 267 4.80 37.92 -10.45
N GLY A 268 5.12 37.65 -9.19
CA GLY A 268 4.55 38.40 -8.10
C GLY A 268 3.09 38.02 -7.99
N LEU A 269 2.72 37.00 -8.76
CA LEU A 269 1.35 36.50 -8.79
C LEU A 269 1.10 35.19 -8.04
N LEU A 270 2.09 34.67 -7.32
CA LEU A 270 1.88 33.44 -6.57
C LEU A 270 0.87 33.69 -5.45
N SER A 271 -0.13 32.82 -5.36
CA SER A 271 -1.19 32.98 -4.38
C SER A 271 -1.34 31.70 -3.55
N GLY A 272 -1.21 30.55 -4.19
CA GLY A 272 -1.34 29.29 -3.48
C GLY A 272 -0.25 28.33 -3.89
N LEU A 273 0.26 27.56 -2.92
CA LEU A 273 1.32 26.61 -3.20
C LEU A 273 1.17 25.31 -2.44
N ASP A 274 1.31 24.20 -3.14
CA ASP A 274 1.23 22.90 -2.50
C ASP A 274 2.60 22.22 -2.70
N ILE A 275 3.08 21.55 -1.67
CA ILE A 275 4.35 20.82 -1.71
C ILE A 275 3.91 19.44 -1.25
N MET A 276 3.72 18.52 -2.20
CA MET A 276 3.20 17.21 -1.86
C MET A 276 4.01 15.96 -2.19
N GLU A 277 3.55 14.87 -1.60
CA GLU A 277 4.08 13.53 -1.76
C GLU A 277 5.46 13.23 -1.18
N VAL A 278 5.88 14.02 -0.19
CA VAL A 278 7.16 13.75 0.46
C VAL A 278 6.85 12.69 1.53
N ASN A 279 7.47 11.52 1.45
CA ASN A 279 7.24 10.45 2.41
C ASN A 279 8.54 9.91 2.98
N PRO A 280 8.98 10.46 4.13
CA PRO A 280 10.23 10.04 4.78
C PRO A 280 10.39 8.53 4.95
N SER A 281 9.36 7.85 5.44
CA SER A 281 9.44 6.41 5.64
C SER A 281 9.73 5.63 4.37
N LEU A 282 9.67 6.29 3.22
CA LEU A 282 9.95 5.62 1.95
C LEU A 282 11.38 5.78 1.51
N GLY A 283 12.19 6.45 2.32
CA GLY A 283 13.59 6.62 2.00
C GLY A 283 14.32 5.34 2.40
N LYS A 284 15.22 4.87 1.55
CA LYS A 284 15.97 3.65 1.83
C LYS A 284 17.17 3.94 2.72
N THR A 285 17.45 5.22 2.93
CA THR A 285 18.56 5.63 3.78
C THR A 285 18.21 6.95 4.44
N PRO A 286 18.84 7.26 5.59
CA PRO A 286 18.58 8.52 6.29
C PRO A 286 18.94 9.71 5.38
N GLU A 287 19.88 9.48 4.46
CA GLU A 287 20.31 10.49 3.52
C GLU A 287 19.24 10.76 2.45
N GLU A 288 18.62 9.71 1.93
CA GLU A 288 17.58 9.90 0.93
C GLU A 288 16.42 10.69 1.52
N VAL A 289 16.29 10.65 2.85
CA VAL A 289 15.21 11.37 3.53
C VAL A 289 15.58 12.84 3.58
N THR A 290 16.78 13.12 4.08
CA THR A 290 17.24 14.48 4.17
C THR A 290 17.35 15.10 2.77
N ARG A 291 17.70 14.28 1.78
CA ARG A 291 17.85 14.77 0.41
C ARG A 291 16.50 15.15 -0.18
N THR A 292 15.47 14.37 0.13
CA THR A 292 14.14 14.65 -0.39
C THR A 292 13.58 15.87 0.32
N VAL A 293 13.79 15.94 1.62
CA VAL A 293 13.31 17.07 2.41
C VAL A 293 14.06 18.34 2.00
N ASN A 294 15.39 18.23 1.94
CA ASN A 294 16.24 19.35 1.56
C ASN A 294 15.76 20.01 0.27
N THR A 295 15.51 19.19 -0.75
CA THR A 295 15.05 19.67 -2.03
C THR A 295 13.64 20.23 -1.97
N ALA A 296 12.82 19.71 -1.05
CA ALA A 296 11.46 20.20 -0.90
C ALA A 296 11.48 21.63 -0.35
N VAL A 297 12.38 21.86 0.60
CA VAL A 297 12.54 23.17 1.25
C VAL A 297 13.14 24.23 0.32
N ALA A 298 14.07 23.82 -0.55
CA ALA A 298 14.70 24.73 -1.49
C ALA A 298 13.68 25.15 -2.53
N ILE A 299 12.83 24.20 -2.91
CA ILE A 299 11.79 24.47 -3.88
C ILE A 299 10.84 25.52 -3.30
N THR A 300 10.58 25.40 -2.00
CA THR A 300 9.67 26.32 -1.34
C THR A 300 10.25 27.72 -1.18
N LEU A 301 11.49 27.81 -0.70
CA LEU A 301 12.13 29.11 -0.56
C LEU A 301 12.16 29.85 -1.89
N ALA A 302 12.43 29.12 -2.97
CA ALA A 302 12.47 29.71 -4.30
C ALA A 302 11.12 30.35 -4.59
N CYS A 303 10.07 29.69 -4.10
CA CYS A 303 8.72 30.18 -4.31
C CYS A 303 8.48 31.49 -3.60
N PHE A 304 9.26 31.76 -2.56
CA PHE A 304 9.05 32.99 -1.84
C PHE A 304 10.21 33.97 -1.87
N GLY A 305 11.09 33.86 -2.86
CA GLY A 305 12.14 34.85 -2.94
C GLY A 305 13.59 34.50 -3.11
N LEU A 306 14.06 33.45 -2.45
CA LEU A 306 15.46 33.09 -2.56
C LEU A 306 15.84 32.88 -4.01
N ALA A 307 16.83 33.63 -4.47
CA ALA A 307 17.30 33.53 -5.85
C ALA A 307 18.73 32.99 -5.88
N ARG A 308 19.06 32.23 -6.91
CA ARG A 308 20.41 31.67 -6.99
C ARG A 308 21.50 32.70 -7.30
N GLU A 309 21.15 33.80 -7.95
CA GLU A 309 22.12 34.84 -8.27
C GLU A 309 22.44 35.67 -7.04
N GLY A 310 21.62 35.52 -6.00
CA GLY A 310 21.82 36.27 -4.77
C GLY A 310 20.58 37.03 -4.38
N ASN A 311 20.62 37.61 -3.18
CA ASN A 311 19.51 38.40 -2.63
C ASN A 311 20.12 39.47 -1.73
N HIS A 312 19.45 40.61 -1.61
CA HIS A 312 19.94 41.69 -0.75
C HIS A 312 18.84 42.73 -0.47
N LYS A 313 18.83 43.22 0.77
CA LYS A 313 17.85 44.20 1.22
C LYS A 313 18.06 45.54 0.54
N PRO A 314 17.07 46.45 0.65
CA PRO A 314 17.18 47.77 0.04
C PRO A 314 18.02 48.68 0.94
N ILE A 315 19.32 48.41 0.99
CA ILE A 315 20.26 49.20 1.80
C ILE A 315 21.60 49.25 1.07
N ASP A 316 22.50 50.11 1.54
CA ASP A 316 23.82 50.26 0.95
C ASP A 316 24.80 49.39 1.75
N TYR A 317 25.24 48.30 1.13
CA TYR A 317 26.15 47.36 1.77
C TYR A 317 27.61 47.78 1.85
N LEU A 318 27.98 48.87 1.17
CA LEU A 318 29.38 49.31 1.21
C LEU A 318 29.66 50.49 2.16
N ARG B 6 -11.14 -29.31 -10.18
CA ARG B 6 -10.17 -28.75 -9.20
C ARG B 6 -9.39 -29.89 -8.56
N THR B 7 -8.24 -30.21 -9.15
CA THR B 7 -7.40 -31.28 -8.63
C THR B 7 -6.52 -30.74 -7.50
N ILE B 8 -6.22 -31.61 -6.54
CA ILE B 8 -5.39 -31.21 -5.39
C ILE B 8 -4.10 -32.01 -5.28
N GLY B 9 -3.03 -31.32 -4.94
CA GLY B 9 -1.74 -31.96 -4.77
C GLY B 9 -1.27 -31.82 -3.35
N ILE B 10 -1.70 -32.75 -2.50
CA ILE B 10 -1.31 -32.73 -1.09
C ILE B 10 0.20 -32.81 -0.95
N ILE B 11 0.72 -32.15 0.07
CA ILE B 11 2.16 -32.16 0.33
C ILE B 11 2.37 -32.17 1.84
N GLY B 12 3.36 -32.93 2.28
CA GLY B 12 3.68 -33.00 3.69
C GLY B 12 4.95 -32.24 3.98
N ALA B 13 4.97 -31.54 5.10
CA ALA B 13 6.12 -30.76 5.52
C ALA B 13 6.12 -30.67 7.05
N PRO B 14 6.45 -31.78 7.73
CA PRO B 14 6.51 -31.89 9.19
C PRO B 14 7.67 -31.13 9.85
N PHE B 15 7.93 -29.92 9.37
CA PHE B 15 9.02 -29.09 9.90
C PHE B 15 8.60 -28.30 11.15
N SER B 16 9.53 -28.08 12.07
CA SER B 16 9.25 -27.35 13.30
C SER B 16 10.37 -26.40 13.72
N LYS B 17 11.54 -26.54 13.12
CA LYS B 17 12.68 -25.69 13.45
C LYS B 17 12.40 -24.21 13.16
N GLY B 18 11.16 -23.88 12.84
CA GLY B 18 10.80 -22.50 12.56
C GLY B 18 10.47 -21.81 13.87
N GLN B 19 10.39 -22.61 14.93
CA GLN B 19 10.08 -22.11 16.27
C GLN B 19 10.36 -23.19 17.32
N PRO B 20 10.56 -22.79 18.59
CA PRO B 20 10.86 -23.68 19.72
C PRO B 20 10.10 -25.02 19.82
N ARG B 21 8.82 -24.95 20.15
CA ARG B 21 7.98 -26.17 20.29
C ARG B 21 7.95 -27.05 19.03
N GLY B 22 8.36 -28.30 19.16
CA GLY B 22 8.39 -29.20 18.02
C GLY B 22 7.23 -30.14 17.77
N GLY B 23 6.12 -29.93 18.47
CA GLY B 23 4.97 -30.79 18.27
C GLY B 23 4.26 -30.61 16.93
N VAL B 24 4.46 -29.46 16.29
CA VAL B 24 3.82 -29.17 15.00
C VAL B 24 4.25 -30.16 13.93
N GLU B 25 5.19 -31.03 14.28
CA GLU B 25 5.67 -32.02 13.34
C GLU B 25 4.62 -33.12 13.20
N GLU B 26 3.83 -33.32 14.24
CA GLU B 26 2.78 -34.34 14.23
C GLU B 26 1.61 -33.92 13.36
N GLY B 27 1.58 -32.65 12.97
CA GLY B 27 0.49 -32.14 12.15
C GLY B 27 0.19 -32.92 10.88
N PRO B 28 1.18 -33.09 10.00
CA PRO B 28 0.98 -33.82 8.74
C PRO B 28 0.40 -35.22 8.96
N THR B 29 0.93 -35.91 9.97
CA THR B 29 0.50 -37.26 10.32
C THR B 29 -0.94 -37.29 10.82
N VAL B 30 -1.21 -36.49 11.85
CA VAL B 30 -2.56 -36.43 12.41
C VAL B 30 -3.56 -35.98 11.34
N LEU B 31 -3.18 -34.99 10.54
CA LEU B 31 -4.06 -34.49 9.49
C LEU B 31 -4.59 -35.62 8.62
N ARG B 32 -3.68 -36.50 8.22
CA ARG B 32 -4.04 -37.64 7.37
C ARG B 32 -4.84 -38.66 8.18
N LYS B 33 -4.35 -39.02 9.37
CA LYS B 33 -5.05 -39.97 10.23
C LYS B 33 -6.34 -39.37 10.80
N ALA B 34 -6.88 -38.39 10.08
CA ALA B 34 -8.12 -37.74 10.46
C ALA B 34 -9.12 -38.00 9.32
N GLY B 35 -8.61 -38.50 8.20
CA GLY B 35 -9.45 -38.81 7.06
C GLY B 35 -9.49 -37.72 6.00
N LEU B 36 -8.58 -36.76 6.09
CA LEU B 36 -8.54 -35.67 5.12
C LEU B 36 -8.53 -36.18 3.69
N LEU B 37 -7.76 -37.22 3.45
CA LEU B 37 -7.64 -37.79 2.11
C LEU B 37 -8.89 -38.53 1.65
N GLU B 38 -9.46 -39.36 2.50
CA GLU B 38 -10.67 -40.08 2.13
C GLU B 38 -11.78 -39.06 1.83
N LYS B 39 -11.93 -38.10 2.74
CA LYS B 39 -12.95 -37.06 2.65
C LYS B 39 -12.81 -36.05 1.52
N LEU B 40 -11.58 -35.81 1.07
CA LEU B 40 -11.38 -34.90 -0.05
C LEU B 40 -11.87 -35.62 -1.29
N LYS B 41 -11.70 -36.95 -1.30
CA LYS B 41 -12.15 -37.77 -2.42
C LYS B 41 -13.67 -37.95 -2.39
N GLU B 42 -14.22 -38.10 -1.19
CA GLU B 42 -15.65 -38.26 -1.02
C GLU B 42 -16.29 -36.97 -1.54
N GLN B 43 -15.43 -35.98 -1.75
CA GLN B 43 -15.80 -34.66 -2.24
C GLN B 43 -15.75 -34.64 -3.77
N GLU B 44 -15.54 -33.44 -4.32
CA GLU B 44 -15.46 -33.27 -5.76
C GLU B 44 -14.01 -33.39 -6.24
N CYS B 45 -13.13 -33.81 -5.34
CA CYS B 45 -11.70 -33.88 -5.62
C CYS B 45 -11.09 -35.11 -6.28
N ASP B 46 -9.81 -34.94 -6.64
CA ASP B 46 -8.96 -35.95 -7.25
C ASP B 46 -7.67 -35.82 -6.44
N VAL B 47 -7.61 -36.54 -5.33
CA VAL B 47 -6.46 -36.49 -4.44
C VAL B 47 -5.22 -37.24 -4.93
N LYS B 48 -4.09 -36.54 -4.97
CA LYS B 48 -2.83 -37.11 -5.38
C LYS B 48 -1.75 -36.59 -4.44
N ASP B 49 -1.56 -37.31 -3.34
CA ASP B 49 -0.60 -36.95 -2.32
C ASP B 49 0.84 -37.19 -2.76
N TYR B 50 1.68 -36.19 -2.58
CA TYR B 50 3.09 -36.29 -2.93
C TYR B 50 3.89 -36.70 -1.71
N GLY B 51 3.19 -37.24 -0.72
CA GLY B 51 3.81 -37.70 0.51
C GLY B 51 4.45 -36.59 1.32
N ASP B 52 4.88 -36.92 2.53
CA ASP B 52 5.54 -35.96 3.40
C ASP B 52 7.00 -35.89 2.97
N LEU B 53 7.59 -34.71 3.07
CA LEU B 53 8.97 -34.52 2.68
C LEU B 53 9.94 -34.78 3.83
N PRO B 54 11.03 -35.50 3.56
CA PRO B 54 12.01 -35.79 4.60
C PRO B 54 13.01 -34.65 4.71
N PHE B 55 12.89 -33.85 5.77
CA PHE B 55 13.80 -32.73 5.99
C PHE B 55 15.06 -33.24 6.66
N ALA B 56 16.17 -33.14 5.95
CA ALA B 56 17.46 -33.60 6.46
C ALA B 56 17.96 -32.77 7.63
N ASP B 57 18.26 -33.43 8.73
CA ASP B 57 18.76 -32.74 9.91
C ASP B 57 20.11 -32.11 9.61
N ILE B 58 20.24 -30.83 9.92
CA ILE B 58 21.48 -30.11 9.69
C ILE B 58 22.15 -29.73 11.02
N PRO B 59 23.07 -30.58 11.50
CA PRO B 59 23.79 -30.37 12.77
C PRO B 59 24.34 -28.95 12.91
N ASN B 60 25.07 -28.50 11.90
CA ASN B 60 25.66 -27.16 11.90
C ASN B 60 24.59 -26.12 11.56
N ASP B 61 23.89 -25.64 12.59
CA ASP B 61 22.83 -24.66 12.39
C ASP B 61 23.00 -23.49 13.36
N SER B 62 24.17 -22.86 13.30
CA SER B 62 24.49 -21.72 14.15
C SER B 62 23.45 -20.61 14.07
N PRO B 63 23.28 -19.87 15.16
CA PRO B 63 22.31 -18.76 15.23
C PRO B 63 22.75 -17.49 14.49
N PHE B 64 22.00 -17.11 13.46
CA PHE B 64 22.29 -15.90 12.71
C PHE B 64 21.74 -14.78 13.59
N GLN B 65 22.63 -14.14 14.34
CA GLN B 65 22.21 -13.08 15.26
C GLN B 65 21.18 -13.70 16.20
N ILE B 66 19.91 -13.32 16.05
CA ILE B 66 18.87 -13.87 16.90
C ILE B 66 18.15 -15.01 16.17
N VAL B 67 18.13 -14.92 14.84
CA VAL B 67 17.50 -15.93 14.00
C VAL B 67 18.09 -17.30 14.27
N LYS B 68 17.22 -18.24 14.65
CA LYS B 68 17.64 -19.59 14.94
C LYS B 68 17.19 -20.51 13.81
N ASN B 69 17.99 -21.52 13.53
CA ASN B 69 17.69 -22.49 12.48
C ASN B 69 17.60 -21.88 11.08
N PRO B 70 18.39 -20.82 10.82
CA PRO B 70 18.34 -20.19 9.51
C PRO B 70 18.63 -21.17 8.37
N ARG B 71 19.51 -22.13 8.63
CA ARG B 71 19.90 -23.11 7.64
C ARG B 71 18.90 -24.26 7.49
N SER B 72 18.30 -24.70 8.59
CA SER B 72 17.33 -25.79 8.53
C SER B 72 16.07 -25.28 7.83
N VAL B 73 15.57 -24.14 8.29
CA VAL B 73 14.38 -23.53 7.72
C VAL B 73 14.61 -23.25 6.23
N GLY B 74 15.58 -22.39 5.93
CA GLY B 74 15.88 -22.08 4.55
C GLY B 74 15.92 -23.33 3.71
N LYS B 75 16.48 -24.39 4.27
CA LYS B 75 16.58 -25.67 3.57
C LYS B 75 15.20 -26.31 3.39
N ALA B 76 14.35 -26.17 4.39
CA ALA B 76 13.01 -26.72 4.32
C ALA B 76 12.18 -26.00 3.26
N SER B 77 12.15 -24.68 3.33
CA SER B 77 11.41 -23.88 2.36
C SER B 77 11.91 -24.13 0.94
N GLU B 78 13.23 -24.10 0.76
CA GLU B 78 13.84 -24.31 -0.56
C GLU B 78 13.39 -25.64 -1.15
N GLN B 79 13.49 -26.68 -0.34
CA GLN B 79 13.10 -28.01 -0.73
C GLN B 79 11.59 -28.02 -1.05
N LEU B 80 10.81 -27.41 -0.17
CA LEU B 80 9.34 -27.34 -0.34
C LEU B 80 8.87 -26.47 -1.51
N ALA B 81 9.66 -25.46 -1.86
CA ALA B 81 9.32 -24.56 -2.96
C ALA B 81 9.47 -25.27 -4.30
N GLY B 82 10.36 -26.25 -4.35
CA GLY B 82 10.57 -27.01 -5.57
C GLY B 82 9.45 -28.02 -5.72
N LYS B 83 8.98 -28.54 -4.59
CA LYS B 83 7.90 -29.53 -4.57
C LYS B 83 6.56 -28.88 -4.89
N VAL B 84 6.46 -27.57 -4.68
CA VAL B 84 5.23 -26.83 -4.95
C VAL B 84 5.06 -26.53 -6.44
N ALA B 85 6.12 -26.03 -7.06
CA ALA B 85 6.07 -25.72 -8.49
C ALA B 85 5.78 -27.05 -9.18
N GLU B 86 6.11 -28.12 -8.47
CA GLU B 86 5.93 -29.50 -8.93
C GLU B 86 4.45 -29.78 -9.15
N VAL B 87 3.68 -29.72 -8.07
CA VAL B 87 2.24 -29.98 -8.12
C VAL B 87 1.56 -28.91 -8.95
N LYS B 88 2.09 -27.70 -8.89
CA LYS B 88 1.50 -26.62 -9.66
C LYS B 88 1.57 -26.94 -11.14
N LYS B 89 2.43 -27.89 -11.48
CA LYS B 89 2.61 -28.31 -12.87
C LYS B 89 1.77 -29.53 -13.23
N ASN B 90 1.59 -30.43 -12.27
CA ASN B 90 0.79 -31.62 -12.52
C ASN B 90 -0.65 -31.19 -12.74
N GLY B 91 -0.86 -29.88 -12.75
CA GLY B 91 -2.18 -29.30 -12.96
C GLY B 91 -3.08 -29.33 -11.74
N ARG B 92 -2.49 -29.29 -10.56
CA ARG B 92 -3.26 -29.33 -9.32
C ARG B 92 -3.00 -28.14 -8.38
N ILE B 93 -3.81 -28.06 -7.33
CA ILE B 93 -3.69 -27.04 -6.32
C ILE B 93 -2.85 -27.66 -5.20
N SER B 94 -1.79 -26.97 -4.79
CA SER B 94 -0.92 -27.48 -3.72
C SER B 94 -1.60 -27.37 -2.35
N LEU B 95 -1.48 -28.43 -1.56
CA LEU B 95 -2.09 -28.47 -0.26
C LEU B 95 -1.02 -28.87 0.76
N VAL B 96 -0.17 -27.91 1.13
CA VAL B 96 0.89 -28.18 2.11
C VAL B 96 0.33 -28.27 3.53
N LEU B 97 0.56 -29.43 4.15
CA LEU B 97 0.09 -29.71 5.51
C LEU B 97 1.26 -29.71 6.49
N GLY B 98 2.21 -28.82 6.27
CA GLY B 98 3.37 -28.78 7.14
C GLY B 98 3.09 -28.44 8.58
N GLY B 99 4.12 -27.94 9.25
CA GLY B 99 3.99 -27.55 10.65
C GLY B 99 4.01 -26.03 10.76
N ASP B 100 5.14 -25.48 11.24
CA ASP B 100 5.26 -24.02 11.43
C ASP B 100 5.22 -23.19 10.14
N HIS B 101 4.74 -21.96 10.29
CA HIS B 101 4.57 -20.99 9.19
C HIS B 101 5.84 -20.49 8.49
N SER B 102 7.02 -20.92 8.94
CA SER B 102 8.25 -20.47 8.31
C SER B 102 8.33 -21.12 6.93
N LEU B 103 7.63 -22.24 6.78
CA LEU B 103 7.61 -22.97 5.53
C LEU B 103 6.90 -22.23 4.41
N ALA B 104 6.20 -21.14 4.76
CA ALA B 104 5.46 -20.35 3.78
C ALA B 104 6.37 -19.82 2.68
N ILE B 105 7.57 -19.41 3.06
CA ILE B 105 8.54 -18.90 2.11
C ILE B 105 8.70 -19.86 0.94
N GLY B 106 9.10 -21.10 1.24
CA GLY B 106 9.26 -22.07 0.17
C GLY B 106 7.95 -22.27 -0.59
N SER B 107 6.92 -22.72 0.12
CA SER B 107 5.60 -22.97 -0.47
C SER B 107 5.12 -21.87 -1.43
N ILE B 108 5.24 -20.61 -1.01
CA ILE B 108 4.82 -19.47 -1.81
C ILE B 108 5.76 -19.24 -2.98
N SER B 109 7.05 -19.47 -2.77
CA SER B 109 8.03 -19.30 -3.84
C SER B 109 7.75 -20.29 -4.97
N GLY B 110 7.66 -21.58 -4.63
CA GLY B 110 7.40 -22.59 -5.62
C GLY B 110 6.08 -22.38 -6.34
N HIS B 111 5.11 -21.81 -5.63
CA HIS B 111 3.80 -21.53 -6.21
C HIS B 111 3.93 -20.42 -7.23
N ALA B 112 4.70 -19.39 -6.86
CA ALA B 112 4.91 -18.24 -7.72
C ALA B 112 5.88 -18.48 -8.89
N ARG B 113 6.36 -19.71 -9.05
CA ARG B 113 7.26 -20.01 -10.16
C ARG B 113 6.46 -20.22 -11.44
N VAL B 114 5.28 -20.84 -11.30
CA VAL B 114 4.42 -21.07 -12.44
C VAL B 114 3.44 -19.90 -12.53
N HIS B 115 2.92 -19.48 -11.38
CA HIS B 115 1.96 -18.39 -11.32
C HIS B 115 2.54 -17.21 -10.52
N PRO B 116 3.40 -16.39 -11.17
CA PRO B 116 4.02 -15.24 -10.52
C PRO B 116 3.06 -14.07 -10.31
N ASP B 117 1.84 -14.22 -10.82
CA ASP B 117 0.82 -13.19 -10.71
C ASP B 117 -0.15 -13.38 -9.54
N LEU B 118 0.02 -14.49 -8.81
CA LEU B 118 -0.86 -14.82 -7.69
C LEU B 118 -0.99 -13.78 -6.59
N GLY B 119 -2.14 -13.81 -5.93
CA GLY B 119 -2.43 -12.91 -4.83
C GLY B 119 -2.37 -13.72 -3.55
N VAL B 120 -2.09 -13.08 -2.42
CA VAL B 120 -2.00 -13.81 -1.17
C VAL B 120 -3.06 -13.43 -0.12
N ILE B 121 -3.59 -14.45 0.55
CA ILE B 121 -4.55 -14.25 1.63
C ILE B 121 -3.90 -14.90 2.85
N TRP B 122 -3.49 -14.06 3.80
CA TRP B 122 -2.82 -14.53 5.00
C TRP B 122 -3.72 -14.47 6.24
N VAL B 123 -4.33 -15.61 6.57
CA VAL B 123 -5.21 -15.68 7.72
C VAL B 123 -4.28 -15.99 8.88
N ASP B 124 -4.23 -15.10 9.85
CA ASP B 124 -3.32 -15.30 10.95
C ASP B 124 -3.68 -14.37 12.11
N ALA B 125 -3.20 -14.71 13.29
CA ALA B 125 -3.41 -13.87 14.46
C ALA B 125 -2.21 -12.93 14.49
N HIS B 126 -1.24 -13.19 13.60
CA HIS B 126 -0.02 -12.39 13.51
C HIS B 126 0.33 -12.00 12.09
N THR B 127 1.20 -11.01 11.93
CA THR B 127 1.60 -10.57 10.61
C THR B 127 2.76 -11.40 10.04
N ASP B 128 3.59 -11.96 10.92
CA ASP B 128 4.72 -12.78 10.49
C ASP B 128 5.59 -12.06 9.48
N ILE B 129 5.69 -10.74 9.62
CA ILE B 129 6.49 -9.96 8.70
C ILE B 129 7.74 -9.40 9.39
N ASN B 130 8.22 -10.14 10.38
CA ASN B 130 9.43 -9.75 11.10
C ASN B 130 10.60 -10.12 10.19
N THR B 131 11.71 -9.39 10.34
CA THR B 131 12.92 -9.63 9.57
C THR B 131 14.00 -10.14 10.54
N PRO B 132 15.04 -10.79 10.03
CA PRO B 132 16.11 -11.32 10.88
C PRO B 132 16.82 -10.22 11.68
N LEU B 133 16.37 -8.98 11.51
CA LEU B 133 16.98 -7.84 12.17
C LEU B 133 16.01 -7.06 13.07
N THR B 134 14.73 -7.43 13.05
CA THR B 134 13.74 -6.72 13.88
C THR B 134 12.98 -7.69 14.78
N THR B 135 13.15 -8.98 14.50
CA THR B 135 12.50 -10.01 15.29
C THR B 135 13.07 -10.02 16.71
N THR B 136 12.19 -10.15 17.69
CA THR B 136 12.59 -10.16 19.08
C THR B 136 12.74 -11.56 19.67
N SER B 137 12.59 -12.58 18.84
CA SER B 137 12.72 -13.97 19.29
C SER B 137 13.56 -14.78 18.32
N GLY B 138 13.80 -14.22 17.14
CA GLY B 138 14.60 -14.90 16.13
C GLY B 138 13.90 -16.15 15.63
N ASN B 139 12.58 -16.21 15.82
CA ASN B 139 11.81 -17.36 15.39
C ASN B 139 11.27 -17.16 13.98
N LEU B 140 11.91 -17.83 13.03
CA LEU B 140 11.54 -17.75 11.63
C LEU B 140 10.07 -17.93 11.29
N HIS B 141 9.34 -18.78 12.01
CA HIS B 141 7.92 -18.99 11.72
C HIS B 141 7.13 -17.68 11.83
N GLY B 142 7.82 -16.61 12.23
CA GLY B 142 7.19 -15.30 12.35
C GLY B 142 7.93 -14.26 11.54
N GLN B 143 8.51 -14.70 10.42
CA GLN B 143 9.26 -13.84 9.51
C GLN B 143 9.04 -14.16 8.02
N PRO B 144 8.30 -15.25 7.69
CA PRO B 144 8.09 -15.57 6.27
C PRO B 144 7.67 -14.44 5.33
N VAL B 145 6.77 -13.58 5.78
CA VAL B 145 6.29 -12.48 4.95
C VAL B 145 7.40 -11.58 4.42
N SER B 146 8.21 -11.05 5.34
CA SER B 146 9.30 -10.14 4.98
C SER B 146 10.23 -10.73 3.92
N PHE B 147 10.56 -12.01 4.06
CA PHE B 147 11.43 -12.68 3.10
C PHE B 147 10.81 -12.75 1.71
N LEU B 148 9.52 -12.51 1.61
CA LEU B 148 8.84 -12.59 0.31
C LEU B 148 8.50 -11.26 -0.36
N LEU B 149 8.34 -10.19 0.41
CA LEU B 149 8.00 -8.90 -0.18
C LEU B 149 9.21 -8.24 -0.84
N LYS B 150 8.95 -7.63 -2.00
CA LYS B 150 9.99 -6.94 -2.77
C LYS B 150 10.38 -5.61 -2.14
N GLU B 151 9.41 -4.93 -1.55
CA GLU B 151 9.64 -3.63 -0.91
C GLU B 151 10.47 -3.79 0.35
N LEU B 152 10.84 -5.03 0.66
CA LEU B 152 11.60 -5.32 1.86
C LEU B 152 12.99 -5.92 1.59
N LYS B 153 13.29 -6.17 0.32
CA LYS B 153 14.59 -6.71 -0.04
C LYS B 153 15.55 -5.52 -0.07
N GLY B 154 16.23 -5.31 1.05
CA GLY B 154 17.18 -4.22 1.20
C GLY B 154 17.34 -4.10 2.69
N LYS B 155 16.38 -4.71 3.37
CA LYS B 155 16.31 -4.76 4.83
C LYS B 155 16.65 -6.19 5.25
N ILE B 156 16.52 -7.11 4.30
CA ILE B 156 16.81 -8.53 4.53
C ILE B 156 18.31 -8.76 4.38
N PRO B 157 19.01 -9.02 5.50
CA PRO B 157 20.46 -9.25 5.47
C PRO B 157 20.77 -10.70 5.13
N ASP B 158 21.70 -10.92 4.20
CA ASP B 158 22.08 -12.26 3.80
C ASP B 158 22.07 -13.21 4.99
N VAL B 159 21.09 -14.11 5.01
CA VAL B 159 20.97 -15.08 6.09
C VAL B 159 21.43 -16.43 5.56
N PRO B 160 22.15 -17.21 6.38
CA PRO B 160 22.58 -18.52 5.87
C PRO B 160 21.36 -19.41 5.64
N GLY B 161 21.32 -20.05 4.47
CA GLY B 161 20.22 -20.94 4.15
C GLY B 161 19.21 -20.36 3.17
N PHE B 162 18.92 -19.08 3.31
CA PHE B 162 17.97 -18.44 2.43
C PHE B 162 18.62 -17.74 1.24
N SER B 163 19.58 -18.42 0.63
CA SER B 163 20.29 -17.88 -0.52
C SER B 163 19.41 -17.92 -1.77
N TRP B 164 18.80 -19.08 -2.00
CA TRP B 164 17.91 -19.29 -3.15
C TRP B 164 16.76 -18.29 -3.21
N VAL B 165 16.36 -17.77 -2.04
CA VAL B 165 15.25 -16.83 -1.93
C VAL B 165 15.25 -15.62 -2.86
N THR B 166 14.15 -15.45 -3.57
CA THR B 166 13.94 -14.33 -4.51
C THR B 166 12.55 -13.71 -4.24
N PRO B 167 12.51 -12.53 -3.60
CA PRO B 167 11.25 -11.85 -3.28
C PRO B 167 10.26 -11.91 -4.44
N CYS B 168 9.18 -12.67 -4.25
CA CYS B 168 8.17 -12.86 -5.29
C CYS B 168 6.89 -12.04 -5.21
N ILE B 169 6.49 -11.61 -4.01
CA ILE B 169 5.26 -10.84 -3.90
C ILE B 169 5.43 -9.38 -3.48
N SER B 170 4.59 -8.51 -4.03
CA SER B 170 4.61 -7.09 -3.73
C SER B 170 3.61 -6.78 -2.62
N ALA B 171 3.80 -5.66 -1.95
CA ALA B 171 2.90 -5.27 -0.86
C ALA B 171 1.46 -5.12 -1.33
N LYS B 172 1.27 -4.73 -2.59
CA LYS B 172 -0.06 -4.53 -3.14
C LYS B 172 -0.79 -5.83 -3.46
N ASP B 173 -0.09 -6.95 -3.38
CA ASP B 173 -0.69 -8.25 -3.71
C ASP B 173 -0.90 -9.20 -2.55
N ILE B 174 -1.20 -8.67 -1.38
CA ILE B 174 -1.41 -9.51 -0.22
C ILE B 174 -2.36 -8.86 0.78
N VAL B 175 -3.24 -9.67 1.37
CA VAL B 175 -4.20 -9.19 2.37
C VAL B 175 -4.18 -10.03 3.64
N TYR B 176 -4.24 -9.35 4.79
CA TYR B 176 -4.25 -10.02 6.08
C TYR B 176 -5.65 -10.09 6.66
N ILE B 177 -5.98 -11.18 7.36
CA ILE B 177 -7.28 -11.34 7.99
C ILE B 177 -7.11 -12.07 9.32
N GLY B 178 -7.49 -11.42 10.42
CA GLY B 178 -7.38 -12.04 11.72
C GLY B 178 -6.27 -11.52 12.64
N LEU B 179 -5.61 -10.43 12.26
CA LEU B 179 -4.53 -9.87 13.06
C LEU B 179 -4.94 -9.35 14.44
N ARG B 180 -4.29 -9.80 15.50
CA ARG B 180 -4.59 -9.30 16.84
C ARG B 180 -3.38 -9.24 17.80
N ASP B 181 -2.19 -9.46 17.25
CA ASP B 181 -0.92 -9.41 17.99
C ASP B 181 0.20 -9.07 16.98
N VAL B 182 0.40 -7.78 16.76
CA VAL B 182 1.41 -7.28 15.82
C VAL B 182 2.49 -6.48 16.56
N ASP B 183 3.76 -6.85 16.34
CA ASP B 183 4.89 -6.16 16.95
C ASP B 183 4.94 -4.71 16.51
N PRO B 184 5.40 -3.79 17.38
CA PRO B 184 5.45 -2.38 16.98
C PRO B 184 6.17 -2.21 15.64
N GLY B 185 7.24 -2.97 15.44
CA GLY B 185 7.99 -2.90 14.20
C GLY B 185 7.18 -3.36 13.00
N GLU B 186 6.52 -4.51 13.13
CA GLU B 186 5.69 -5.10 12.08
C GLU B 186 4.58 -4.17 11.65
N HIS B 187 3.99 -3.48 12.62
CA HIS B 187 2.91 -2.54 12.34
C HIS B 187 3.48 -1.42 11.46
N TYR B 188 4.65 -0.94 11.83
CA TYR B 188 5.33 0.11 11.09
C TYR B 188 5.41 -0.35 9.64
N ILE B 189 5.81 -1.60 9.44
CA ILE B 189 5.90 -2.16 8.09
C ILE B 189 4.50 -2.22 7.46
N LEU B 190 3.51 -2.53 8.28
CA LEU B 190 2.12 -2.61 7.82
C LEU B 190 1.65 -1.31 7.21
N LYS B 191 1.72 -0.24 8.00
CA LYS B 191 1.31 1.08 7.57
C LYS B 191 2.26 1.69 6.55
N THR B 192 3.56 1.64 6.86
CA THR B 192 4.59 2.18 5.97
C THR B 192 4.47 1.64 4.57
N LEU B 193 4.42 0.31 4.45
CA LEU B 193 4.31 -0.34 3.16
C LEU B 193 2.88 -0.32 2.62
N GLY B 194 1.93 0.02 3.47
CA GLY B 194 0.53 0.09 3.06
C GLY B 194 -0.11 -1.23 2.66
N ILE B 195 0.26 -2.31 3.34
CA ILE B 195 -0.31 -3.60 3.03
C ILE B 195 -1.78 -3.62 3.47
N LYS B 196 -2.62 -4.25 2.66
CA LYS B 196 -4.05 -4.35 2.96
C LYS B 196 -4.27 -5.36 4.06
N TYR B 197 -5.09 -5.01 5.04
CA TYR B 197 -5.36 -5.92 6.13
C TYR B 197 -6.70 -5.69 6.81
N PHE B 198 -7.19 -6.74 7.44
CA PHE B 198 -8.43 -6.72 8.18
C PHE B 198 -8.11 -7.38 9.52
N SER B 199 -7.79 -6.57 10.51
CA SER B 199 -7.48 -7.07 11.83
C SER B 199 -8.83 -7.35 12.48
N MET B 200 -8.83 -8.14 13.54
CA MET B 200 -10.07 -8.46 14.24
C MET B 200 -10.93 -7.23 14.49
N THR B 201 -10.31 -6.06 14.54
CA THR B 201 -11.05 -4.82 14.76
C THR B 201 -11.90 -4.47 13.53
N GLU B 202 -11.29 -4.60 12.35
CA GLU B 202 -11.98 -4.35 11.08
C GLU B 202 -13.05 -5.42 10.95
N VAL B 203 -12.68 -6.66 11.31
CA VAL B 203 -13.62 -7.78 11.24
C VAL B 203 -14.83 -7.52 12.11
N ASP B 204 -14.61 -6.88 13.27
CA ASP B 204 -15.70 -6.55 14.18
C ASP B 204 -16.59 -5.50 13.56
N ARG B 205 -15.96 -4.54 12.87
CA ARG B 205 -16.70 -3.45 12.25
C ARG B 205 -17.49 -3.81 11.02
N LEU B 206 -16.80 -4.36 10.03
CA LEU B 206 -17.42 -4.72 8.76
C LEU B 206 -18.16 -6.04 8.70
N GLY B 207 -17.80 -6.97 9.58
CA GLY B 207 -18.43 -8.28 9.58
C GLY B 207 -17.66 -9.16 8.60
N ILE B 208 -17.65 -10.47 8.85
CA ILE B 208 -16.90 -11.35 7.95
C ILE B 208 -17.46 -11.31 6.53
N GLY B 209 -18.74 -11.01 6.40
CA GLY B 209 -19.35 -10.93 5.09
C GLY B 209 -18.72 -9.85 4.25
N LYS B 210 -18.72 -8.62 4.75
CA LYS B 210 -18.14 -7.52 3.99
C LYS B 210 -16.61 -7.64 3.94
N VAL B 211 -16.05 -8.37 4.89
CA VAL B 211 -14.61 -8.59 4.94
C VAL B 211 -14.09 -9.41 3.75
N MET B 212 -14.87 -10.41 3.32
CA MET B 212 -14.44 -11.25 2.21
C MET B 212 -14.70 -10.60 0.86
N GLU B 213 -15.76 -9.81 0.80
CA GLU B 213 -16.12 -9.12 -0.42
C GLU B 213 -15.05 -8.08 -0.74
N GLU B 214 -14.64 -7.35 0.30
CA GLU B 214 -13.62 -6.31 0.18
C GLU B 214 -12.22 -6.88 -0.08
N THR B 215 -11.97 -8.08 0.44
CA THR B 215 -10.68 -8.73 0.26
C THR B 215 -10.50 -9.22 -1.18
N LEU B 216 -11.49 -9.98 -1.66
CA LEU B 216 -11.43 -10.52 -3.02
C LEU B 216 -11.51 -9.42 -4.08
N SER B 217 -12.21 -8.34 -3.74
CA SER B 217 -12.37 -7.22 -4.64
C SER B 217 -11.03 -6.50 -4.76
N TYR B 218 -10.35 -6.38 -3.64
CA TYR B 218 -9.05 -5.73 -3.62
C TYR B 218 -8.03 -6.59 -4.39
N LEU B 219 -8.06 -7.90 -4.18
CA LEU B 219 -7.13 -8.81 -4.84
C LEU B 219 -7.49 -9.17 -6.28
N LEU B 220 -8.72 -9.64 -6.48
CA LEU B 220 -9.17 -10.04 -7.80
C LEU B 220 -9.94 -8.96 -8.57
N GLY B 221 -9.82 -7.71 -8.14
CA GLY B 221 -10.49 -6.62 -8.81
C GLY B 221 -9.92 -6.39 -10.19
N ARG B 222 -8.84 -5.62 -10.27
CA ARG B 222 -8.18 -5.32 -11.54
C ARG B 222 -8.27 -6.50 -12.49
N LYS B 223 -8.13 -7.71 -11.95
CA LYS B 223 -8.20 -8.91 -12.78
C LYS B 223 -8.24 -10.20 -11.99
N LYS B 224 -8.44 -11.28 -12.73
CA LYS B 224 -8.50 -12.65 -12.21
C LYS B 224 -7.07 -13.17 -12.13
N ARG B 225 -6.67 -13.75 -11.01
CA ARG B 225 -5.32 -14.28 -10.87
C ARG B 225 -5.27 -15.38 -9.83
N PRO B 226 -4.18 -16.16 -9.79
CA PRO B 226 -4.05 -17.25 -8.82
C PRO B 226 -4.11 -16.74 -7.39
N ILE B 227 -4.68 -17.54 -6.51
CA ILE B 227 -4.81 -17.15 -5.10
C ILE B 227 -4.21 -18.15 -4.11
N HIS B 228 -3.18 -17.73 -3.41
CA HIS B 228 -2.54 -18.57 -2.41
C HIS B 228 -3.09 -18.20 -1.03
N LEU B 229 -3.67 -19.19 -0.34
CA LEU B 229 -4.18 -18.96 1.00
C LEU B 229 -3.23 -19.58 2.00
N SER B 230 -2.58 -18.74 2.78
CA SER B 230 -1.66 -19.19 3.81
C SER B 230 -2.48 -19.13 5.09
N PHE B 231 -2.80 -20.30 5.64
CA PHE B 231 -3.64 -20.35 6.84
C PHE B 231 -2.98 -20.81 8.15
N ASP B 232 -2.75 -19.86 9.05
CA ASP B 232 -2.16 -20.15 10.35
C ASP B 232 -3.38 -20.34 11.27
N VAL B 233 -3.61 -21.60 11.65
CA VAL B 233 -4.73 -21.97 12.50
C VAL B 233 -4.88 -21.17 13.80
N ASP B 234 -3.87 -20.40 14.16
CA ASP B 234 -3.95 -19.59 15.38
C ASP B 234 -4.70 -18.29 15.06
N GLY B 235 -5.24 -18.24 13.85
CA GLY B 235 -6.01 -17.09 13.42
C GLY B 235 -7.40 -17.21 13.99
N LEU B 236 -7.84 -18.45 14.20
CA LEU B 236 -9.16 -18.71 14.77
C LEU B 236 -8.99 -18.66 16.29
N ASP B 237 -10.06 -18.33 17.02
CA ASP B 237 -9.96 -18.24 18.47
C ASP B 237 -9.53 -19.58 19.06
N PRO B 238 -8.56 -19.57 19.98
CA PRO B 238 -8.08 -20.80 20.60
C PRO B 238 -9.15 -21.69 21.25
N SER B 239 -10.41 -21.25 21.23
CA SER B 239 -11.48 -22.05 21.79
C SER B 239 -11.93 -23.02 20.68
N PHE B 240 -11.35 -22.83 19.50
CA PHE B 240 -11.66 -23.64 18.34
C PHE B 240 -10.48 -24.51 17.94
N THR B 241 -9.29 -23.91 17.96
CA THR B 241 -8.06 -24.61 17.62
C THR B 241 -7.06 -24.36 18.76
N PRO B 242 -7.36 -24.91 19.94
CA PRO B 242 -6.53 -24.77 21.15
C PRO B 242 -5.10 -25.29 21.06
N ALA B 243 -4.86 -26.26 20.18
CA ALA B 243 -3.53 -26.86 20.04
C ALA B 243 -2.66 -26.23 18.94
N THR B 244 -2.07 -25.08 19.28
CA THR B 244 -1.21 -24.36 18.36
C THR B 244 -0.18 -23.52 19.14
N GLY B 245 1.05 -23.51 18.64
CA GLY B 245 2.16 -22.80 19.27
C GLY B 245 1.97 -21.43 19.90
N THR B 246 1.22 -20.55 19.25
CA THR B 246 1.00 -19.20 19.78
C THR B 246 -0.45 -18.73 19.66
N PRO B 247 -1.32 -19.12 20.61
CA PRO B 247 -2.74 -18.76 20.62
C PRO B 247 -3.04 -17.37 21.20
N VAL B 248 -3.97 -16.68 20.57
CA VAL B 248 -4.37 -15.33 20.98
C VAL B 248 -5.90 -15.29 21.11
N VAL B 249 -6.40 -14.81 22.25
CA VAL B 249 -7.84 -14.74 22.49
C VAL B 249 -8.48 -13.70 21.57
N GLY B 250 -9.79 -13.84 21.36
CA GLY B 250 -10.51 -12.89 20.51
C GLY B 250 -10.29 -13.11 19.02
N GLY B 251 -10.07 -14.36 18.62
CA GLY B 251 -9.86 -14.64 17.20
C GLY B 251 -11.10 -14.96 16.40
N LEU B 252 -10.89 -15.55 15.22
CA LEU B 252 -11.99 -15.92 14.32
C LEU B 252 -12.80 -17.12 14.83
N THR B 253 -14.12 -17.04 14.70
CA THR B 253 -15.00 -18.13 15.13
C THR B 253 -14.90 -19.25 14.12
N TYR B 254 -15.47 -20.40 14.47
CA TYR B 254 -15.46 -21.56 13.59
C TYR B 254 -16.15 -21.14 12.29
N ARG B 255 -17.32 -20.52 12.44
CA ARG B 255 -18.12 -20.06 11.32
C ARG B 255 -17.38 -19.06 10.43
N GLU B 256 -16.70 -18.10 11.07
CA GLU B 256 -15.93 -17.09 10.33
C GLU B 256 -14.81 -17.75 9.54
N GLY B 257 -14.26 -18.84 10.09
CA GLY B 257 -13.20 -19.55 9.40
C GLY B 257 -13.73 -20.29 8.18
N LEU B 258 -14.94 -20.84 8.29
CA LEU B 258 -15.57 -21.56 7.18
C LEU B 258 -16.03 -20.59 6.09
N TYR B 259 -16.48 -19.41 6.50
CA TYR B 259 -16.95 -18.42 5.54
C TYR B 259 -15.79 -17.90 4.70
N ILE B 260 -14.64 -17.69 5.33
CA ILE B 260 -13.47 -17.22 4.62
C ILE B 260 -13.16 -18.22 3.52
N THR B 261 -12.97 -19.46 3.94
CA THR B 261 -12.66 -20.55 3.03
C THR B 261 -13.75 -20.88 1.99
N GLU B 262 -15.02 -20.84 2.39
CA GLU B 262 -16.11 -21.14 1.45
C GLU B 262 -16.20 -20.11 0.33
N GLU B 263 -15.90 -18.85 0.63
CA GLU B 263 -15.95 -17.78 -0.37
C GLU B 263 -14.75 -17.84 -1.31
N ILE B 264 -13.58 -18.12 -0.75
CA ILE B 264 -12.38 -18.20 -1.57
C ILE B 264 -12.53 -19.32 -2.57
N TYR B 265 -13.36 -20.30 -2.23
CA TYR B 265 -13.61 -21.43 -3.11
C TYR B 265 -14.39 -21.03 -4.35
N LYS B 266 -15.52 -20.36 -4.14
CA LYS B 266 -16.38 -19.95 -5.24
C LYS B 266 -15.74 -19.02 -6.27
N THR B 267 -14.52 -18.59 -6.00
CA THR B 267 -13.80 -17.73 -6.93
C THR B 267 -13.29 -18.67 -8.02
N GLY B 268 -13.07 -19.91 -7.60
CA GLY B 268 -12.56 -20.94 -8.49
C GLY B 268 -11.10 -20.67 -8.77
N LEU B 269 -10.53 -19.67 -8.12
CA LEU B 269 -9.13 -19.28 -8.34
C LEU B 269 -8.10 -19.74 -7.32
N LEU B 270 -8.52 -20.58 -6.36
CA LEU B 270 -7.61 -21.11 -5.37
C LEU B 270 -6.55 -21.86 -6.17
N SER B 271 -5.27 -21.65 -5.86
CA SER B 271 -4.20 -22.31 -6.60
C SER B 271 -3.22 -23.01 -5.65
N GLY B 272 -3.13 -22.46 -4.45
CA GLY B 272 -2.25 -23.03 -3.44
C GLY B 272 -2.93 -22.84 -2.10
N LEU B 273 -2.52 -23.65 -1.12
CA LEU B 273 -3.12 -23.57 0.20
C LEU B 273 -2.19 -24.14 1.24
N ASP B 274 -2.03 -23.42 2.35
CA ASP B 274 -1.19 -23.88 3.44
C ASP B 274 -2.06 -24.03 4.66
N ILE B 275 -1.87 -25.12 5.38
CA ILE B 275 -2.59 -25.38 6.62
C ILE B 275 -1.44 -25.51 7.60
N MET B 276 -1.21 -24.46 8.38
CA MET B 276 -0.08 -24.44 9.30
C MET B 276 -0.35 -24.34 10.79
N GLU B 277 0.76 -24.46 11.52
CA GLU B 277 0.84 -24.37 12.97
C GLU B 277 0.05 -25.37 13.84
N VAL B 278 -0.57 -26.39 13.25
CA VAL B 278 -1.29 -27.35 14.08
C VAL B 278 -0.28 -28.18 14.88
N ASN B 279 -0.35 -28.06 16.20
CA ASN B 279 0.56 -28.78 17.09
C ASN B 279 -0.25 -29.62 18.08
N PRO B 280 -0.57 -30.88 17.70
CA PRO B 280 -1.35 -31.78 18.56
C PRO B 280 -0.78 -31.90 19.99
N SER B 281 0.51 -32.19 20.06
CA SER B 281 1.24 -32.35 21.31
C SER B 281 1.01 -31.22 22.31
N LEU B 282 0.40 -30.13 21.85
CA LEU B 282 0.12 -28.99 22.71
C LEU B 282 -1.27 -28.95 23.31
N GLY B 283 -2.11 -29.93 22.99
CA GLY B 283 -3.44 -29.95 23.57
C GLY B 283 -3.34 -30.23 25.05
N LYS B 284 -4.34 -29.82 25.83
CA LYS B 284 -4.31 -30.06 27.28
C LYS B 284 -5.03 -31.36 27.61
N THR B 285 -5.88 -31.78 26.68
CA THR B 285 -6.65 -33.01 26.78
C THR B 285 -6.83 -33.48 25.34
N PRO B 286 -6.83 -34.79 25.10
CA PRO B 286 -7.00 -35.28 23.73
C PRO B 286 -8.23 -34.72 23.00
N GLU B 287 -9.13 -34.09 23.75
CA GLU B 287 -10.32 -33.50 23.17
C GLU B 287 -9.87 -32.19 22.49
N GLU B 288 -8.88 -31.53 23.10
CA GLU B 288 -8.35 -30.29 22.55
C GLU B 288 -7.57 -30.55 21.27
N VAL B 289 -7.12 -31.80 21.13
CA VAL B 289 -6.38 -32.20 19.94
C VAL B 289 -7.32 -32.37 18.76
N THR B 290 -8.31 -33.26 18.91
CA THR B 290 -9.27 -33.51 17.84
C THR B 290 -10.10 -32.27 17.48
N ARG B 291 -10.40 -31.43 18.47
CA ARG B 291 -11.17 -30.20 18.23
C ARG B 291 -10.41 -29.30 17.27
N THR B 292 -9.10 -29.23 17.47
CA THR B 292 -8.19 -28.42 16.67
C THR B 292 -7.89 -29.10 15.34
N VAL B 293 -7.74 -30.43 15.36
CA VAL B 293 -7.47 -31.16 14.13
C VAL B 293 -8.72 -31.16 13.25
N ASN B 294 -9.89 -31.38 13.84
CA ASN B 294 -11.14 -31.41 13.09
C ASN B 294 -11.48 -30.04 12.50
N THR B 295 -11.23 -28.99 13.26
CA THR B 295 -11.49 -27.65 12.75
C THR B 295 -10.60 -27.46 11.52
N ALA B 296 -9.37 -27.93 11.65
CA ALA B 296 -8.39 -27.84 10.56
C ALA B 296 -8.93 -28.53 9.32
N VAL B 297 -9.19 -29.84 9.44
CA VAL B 297 -9.72 -30.61 8.33
C VAL B 297 -10.99 -29.98 7.79
N ALA B 298 -11.78 -29.39 8.68
CA ALA B 298 -13.04 -28.74 8.30
C ALA B 298 -12.79 -27.53 7.41
N ILE B 299 -11.83 -26.71 7.81
CA ILE B 299 -11.49 -25.53 7.03
C ILE B 299 -11.02 -25.96 5.65
N THR B 300 -10.12 -26.94 5.61
CA THR B 300 -9.58 -27.43 4.37
C THR B 300 -10.62 -27.95 3.39
N LEU B 301 -11.57 -28.75 3.89
CA LEU B 301 -12.60 -29.28 3.03
C LEU B 301 -13.32 -28.16 2.27
N ALA B 302 -13.60 -27.05 2.95
CA ALA B 302 -14.30 -25.93 2.33
C ALA B 302 -13.49 -25.31 1.18
N CYS B 303 -12.18 -25.32 1.31
CA CYS B 303 -11.34 -24.77 0.25
C CYS B 303 -11.53 -25.55 -1.05
N PHE B 304 -12.29 -26.65 -0.99
CA PHE B 304 -12.50 -27.46 -2.16
C PHE B 304 -13.94 -27.91 -2.43
N GLY B 305 -14.92 -27.07 -2.14
CA GLY B 305 -16.29 -27.44 -2.44
C GLY B 305 -17.33 -27.63 -1.34
N LEU B 306 -16.93 -28.20 -0.21
CA LEU B 306 -17.88 -28.43 0.87
C LEU B 306 -18.47 -27.13 1.38
N ALA B 307 -19.77 -26.96 1.13
CA ALA B 307 -20.52 -25.79 1.56
C ALA B 307 -21.56 -26.26 2.57
N ARG B 308 -21.85 -25.41 3.55
CA ARG B 308 -22.82 -25.74 4.57
C ARG B 308 -24.27 -25.82 4.11
N GLU B 309 -24.62 -25.09 3.04
CA GLU B 309 -25.99 -25.15 2.52
C GLU B 309 -26.22 -26.54 1.93
N GLY B 310 -25.13 -27.27 1.69
CA GLY B 310 -25.20 -28.60 1.14
C GLY B 310 -24.47 -28.76 -0.18
N ASN B 311 -24.39 -29.99 -0.69
CA ASN B 311 -23.72 -30.29 -1.95
C ASN B 311 -24.42 -31.45 -2.68
N HIS B 312 -24.07 -31.62 -3.96
CA HIS B 312 -24.59 -32.70 -4.79
C HIS B 312 -23.95 -32.61 -6.18
N LYS B 313 -23.92 -33.72 -6.90
CA LYS B 313 -23.34 -33.76 -8.25
C LYS B 313 -24.45 -33.58 -9.28
N PRO B 314 -24.09 -33.32 -10.55
CA PRO B 314 -25.07 -33.13 -11.63
C PRO B 314 -25.86 -34.39 -11.99
N ILE B 315 -26.43 -35.03 -10.97
CA ILE B 315 -27.21 -36.26 -11.17
C ILE B 315 -28.70 -36.01 -10.90
N ASP B 316 -29.52 -37.02 -11.16
CA ASP B 316 -30.96 -36.94 -10.94
C ASP B 316 -31.31 -37.61 -9.61
N TYR B 317 -31.31 -36.83 -8.53
CA TYR B 317 -31.60 -37.33 -7.21
C TYR B 317 -33.08 -37.66 -6.97
N LEU B 318 -33.82 -37.91 -8.05
CA LEU B 318 -35.25 -38.23 -7.94
C LEU B 318 -35.73 -39.23 -9.00
MN MN C . 3.19 12.34 -9.22
MN MN D . 0.52 14.07 -7.92
C TSZ E . 0.25 10.49 -8.46
N1 TSZ E . -1.09 10.21 -8.57
N2 TSZ E . 1.05 9.54 -7.69
N3 TSZ E . 1.69 9.95 -6.46
S TSZ E . 0.93 11.72 -9.04
MN MN F . 0.00 -17.03 14.00
MN MN G . 1.92 -17.53 11.17
#